data_6D1V
#
_entry.id   6D1V
#
_cell.length_a   160.644
_cell.length_b   191.986
_cell.length_c   51.207
_cell.angle_alpha   90.00
_cell.angle_beta   90.00
_cell.angle_gamma   90.00
#
_symmetry.space_group_name_H-M   'C 2 2 21'
#
loop_
_entity.id
_entity.type
_entity.pdbx_description
1 polymer 'Diaminopimelate epimerase'
2 polymer 'RNA pyrophosphohydrolase'
3 polymer "RNA (5'-D(*(APC))-R(P*GP*U)-3')"
4 non-polymer GLYCEROL
5 non-polymer 'CHLORIDE ION'
6 non-polymer 'MAGNESIUM ION'
7 water water
#
loop_
_entity_poly.entity_id
_entity_poly.type
_entity_poly.pdbx_seq_one_letter_code
_entity_poly.pdbx_strand_id
1 'polypeptide(L)'
;SMQFSKMHGLGNDFMVVDAVTQNVFFSPELIRRLADRHLGVGFDQLLVVEPPYDPELDFHYRIFNADGSEVAQCGNGARC
FARFVRLKGLTNKRDIRVSTANGRMVLTVTDDDLVRVNMGEPNFEPSAVPFRANKAEKTYIMRAAEQTILCGVVSMGNPH
CVIQVDDVDTAAVETLGPVLESHERFPERANIGFMQVVKREHIRLRVYERGAGETQACGSGACAAVAVGIQQGLLAEEVR
VELPGGRLDIAWKGPGHPLYMTGPAVHVYDGFIHL
;
A
2 'polypeptide(L)'
;SMIDDDGYRPNVGIVICNRQGQVMWARRFGQHSWQFPQGGINPGESAEQAMYRELFEEVGLSRKDVRILASTRNWLRYKL
PKRLVRWDTKPVCIGQKQKWFLLQLVSGDAEINMQTSSTPEFDGWRWVSYWYPVRQVVSFKRDVYRRVMKEFASVVMSLA
;
B
3 'polyribonucleotide' (APC)GU C
#
# COMPACT_ATOMS: atom_id res chain seq x y z
N SER A 1 23.45 0.94 4.41
CA SER A 1 23.12 0.14 3.22
C SER A 1 21.61 -0.07 3.12
N MET A 2 21.01 0.39 2.02
CA MET A 2 19.56 0.28 1.85
C MET A 2 19.16 -1.15 1.55
N GLN A 3 18.25 -1.70 2.35
CA GLN A 3 17.72 -3.03 2.09
C GLN A 3 16.62 -2.95 1.04
N PHE A 4 16.55 -4.00 0.22
CA PHE A 4 15.49 -4.12 -0.78
C PHE A 4 15.18 -5.60 -0.99
N SER A 5 14.11 -5.84 -1.71
CA SER A 5 13.73 -7.19 -2.11
C SER A 5 13.50 -7.20 -3.62
N LYS A 6 13.65 -8.36 -4.21
CA LYS A 6 13.18 -8.59 -5.56
C LYS A 6 11.96 -9.48 -5.46
N MET A 7 10.93 -9.13 -6.23
CA MET A 7 9.69 -9.87 -6.24
C MET A 7 9.16 -9.95 -7.65
N HIS A 8 8.27 -10.91 -7.89
CA HIS A 8 7.74 -11.14 -9.22
C HIS A 8 6.24 -11.30 -9.14
N GLY A 9 5.53 -10.50 -9.92
CA GLY A 9 4.08 -10.49 -9.91
C GLY A 9 3.49 -9.97 -11.21
N LEU A 10 2.38 -10.56 -11.64
CA LEU A 10 1.76 -10.26 -12.94
C LEU A 10 2.82 -10.19 -14.04
N GLY A 11 3.67 -11.21 -14.08
CA GLY A 11 4.71 -11.30 -15.09
C GLY A 11 5.71 -10.16 -15.07
N ASN A 12 5.98 -9.58 -13.91
CA ASN A 12 6.85 -8.41 -13.82
C ASN A 12 7.84 -8.55 -12.67
N ASP A 13 9.08 -8.11 -12.93
CA ASP A 13 10.12 -8.05 -11.91
C ASP A 13 10.10 -6.69 -11.21
N PHE A 14 9.79 -6.72 -9.91
CA PHE A 14 9.80 -5.52 -9.06
C PHE A 14 11.01 -5.54 -8.15
N MET A 15 11.69 -4.42 -8.07
CA MET A 15 12.51 -4.12 -6.91
C MET A 15 11.57 -3.50 -5.90
N VAL A 16 11.60 -3.93 -4.66
CA VAL A 16 10.65 -3.45 -3.65
C VAL A 16 11.43 -2.91 -2.47
N VAL A 17 11.06 -1.72 -1.99
CA VAL A 17 11.81 -1.09 -0.92
C VAL A 17 10.85 -0.65 0.19
N ASP A 18 11.18 -1.06 1.42
CA ASP A 18 10.59 -0.54 2.65
C ASP A 18 11.15 0.86 2.87
N ALA A 19 10.39 1.89 2.46
CA ALA A 19 10.70 3.27 2.80
C ALA A 19 9.87 3.77 3.97
N VAL A 20 9.44 2.84 4.82
CA VAL A 20 8.71 3.14 6.05
C VAL A 20 9.68 3.17 7.22
N THR A 21 10.44 2.10 7.42
CA THR A 21 11.48 2.03 8.44
C THR A 21 12.84 2.50 7.96
N GLN A 22 12.99 2.79 6.66
CA GLN A 22 14.23 3.29 6.09
C GLN A 22 14.00 4.70 5.59
N ASN A 23 15.01 5.55 5.74
CA ASN A 23 14.92 6.94 5.29
C ASN A 23 15.61 7.05 3.94
N VAL A 24 14.84 7.12 2.86
CA VAL A 24 15.38 7.11 1.51
C VAL A 24 14.53 8.03 0.64
N PHE A 25 15.18 8.90 -0.11
CA PHE A 25 14.48 9.77 -1.06
C PHE A 25 14.81 9.31 -2.47
N PHE A 26 13.78 8.99 -3.25
CA PHE A 26 13.97 8.42 -4.58
C PHE A 26 13.86 9.53 -5.61
N SER A 27 14.98 10.19 -5.86
CA SER A 27 15.10 11.13 -6.97
C SER A 27 15.15 10.39 -8.30
N PRO A 28 14.75 11.03 -9.40
CA PRO A 28 14.88 10.37 -10.71
C PRO A 28 16.29 9.88 -10.97
N GLU A 29 17.31 10.61 -10.51
CA GLU A 29 18.70 10.20 -10.68
C GLU A 29 18.97 8.89 -9.94
N LEU A 30 18.59 8.83 -8.66
CA LEU A 30 18.82 7.60 -7.90
C LEU A 30 18.07 6.43 -8.51
N ILE A 31 16.86 6.67 -9.01
CA ILE A 31 16.06 5.59 -9.61
C ILE A 31 16.74 5.07 -10.87
N ARG A 32 17.14 5.98 -11.75
CA ARG A 32 17.85 5.55 -12.95
C ARG A 32 19.11 4.76 -12.60
N ARG A 33 19.82 5.16 -11.55
CA ARG A 33 21.00 4.41 -11.14
C ARG A 33 20.64 3.02 -10.62
N LEU A 34 19.63 2.94 -9.75
CA LEU A 34 19.21 1.64 -9.23
C LEU A 34 18.73 0.72 -10.35
N ALA A 35 18.14 1.29 -11.40
CA ALA A 35 17.67 0.50 -12.54
C ALA A 35 18.81 -0.06 -13.37
N ASP A 36 20.01 0.50 -13.24
CA ASP A 36 21.17 0.04 -14.01
C ASP A 36 21.61 -1.32 -13.49
N ARG A 37 21.55 -2.34 -14.35
CA ARG A 37 21.81 -3.70 -13.89
C ARG A 37 23.25 -3.89 -13.41
N HIS A 38 24.17 -3.01 -13.81
CA HIS A 38 25.56 -3.19 -13.39
C HIS A 38 25.97 -2.23 -12.28
N LEU A 39 25.56 -0.96 -12.36
CA LEU A 39 25.81 0.00 -11.29
C LEU A 39 24.84 -0.12 -10.14
N GLY A 40 23.67 -0.69 -10.38
CA GLY A 40 22.64 -0.68 -9.36
C GLY A 40 22.10 -2.05 -9.07
N VAL A 41 20.78 -2.21 -9.20
CA VAL A 41 20.10 -3.45 -8.91
C VAL A 41 19.54 -4.09 -10.19
N GLY A 42 18.85 -3.29 -11.01
CA GLY A 42 18.13 -3.81 -12.15
C GLY A 42 16.70 -4.22 -11.83
N PHE A 43 15.73 -3.71 -12.60
CA PHE A 43 14.33 -4.05 -12.37
C PHE A 43 13.50 -3.63 -13.57
N ASP A 44 12.33 -4.26 -13.72
CA ASP A 44 11.29 -3.71 -14.58
C ASP A 44 10.67 -2.49 -13.92
N GLN A 45 10.24 -2.65 -12.67
CA GLN A 45 9.68 -1.51 -11.97
C GLN A 45 10.18 -1.53 -10.54
N LEU A 46 10.13 -0.34 -9.92
CA LEU A 46 10.52 -0.13 -8.53
C LEU A 46 9.29 0.21 -7.72
N LEU A 47 9.01 -0.58 -6.69
CA LEU A 47 7.85 -0.40 -5.82
C LEU A 47 8.37 0.09 -4.48
N VAL A 48 7.93 1.29 -4.07
CA VAL A 48 8.41 1.92 -2.84
C VAL A 48 7.24 2.00 -1.88
N VAL A 49 7.38 1.38 -0.72
CA VAL A 49 6.34 1.37 0.31
C VAL A 49 6.63 2.49 1.28
N GLU A 50 5.64 3.34 1.51
CA GLU A 50 5.75 4.55 2.31
C GLU A 50 4.68 4.58 3.39
N PRO A 51 4.87 5.38 4.43
CA PRO A 51 3.81 5.58 5.40
C PRO A 51 2.58 6.16 4.70
N PRO A 52 1.40 5.91 5.23
CA PRO A 52 0.19 6.44 4.60
C PRO A 52 0.16 7.96 4.69
N TYR A 53 -0.57 8.57 3.75
CA TYR A 53 -0.88 9.99 3.84
C TYR A 53 -2.16 10.25 4.62
N ASP A 54 -3.00 9.24 4.76
CA ASP A 54 -4.33 9.28 5.37
C ASP A 54 -4.33 8.40 6.62
N PRO A 55 -4.79 8.90 7.77
CA PRO A 55 -4.70 8.12 9.00
C PRO A 55 -5.61 6.89 9.03
N GLU A 56 -6.55 6.76 8.09
CA GLU A 56 -7.36 5.56 7.98
C GLU A 56 -6.79 4.52 7.02
N LEU A 57 -5.65 4.80 6.38
CA LEU A 57 -4.99 3.83 5.52
C LEU A 57 -3.69 3.32 6.15
N ASP A 58 -3.28 2.13 5.71
CA ASP A 58 -2.11 1.47 6.30
C ASP A 58 -0.80 1.92 5.66
N PHE A 59 -0.79 2.11 4.33
CA PHE A 59 0.42 2.49 3.63
C PHE A 59 0.04 3.33 2.41
N HIS A 60 1.05 3.95 1.82
CA HIS A 60 1.03 4.45 0.46
C HIS A 60 2.11 3.71 -0.32
N TYR A 61 1.90 3.45 -1.61
CA TYR A 61 3.08 2.99 -2.34
C TYR A 61 3.11 3.62 -3.72
N ARG A 62 4.32 3.75 -4.22
CA ARG A 62 4.55 4.33 -5.52
C ARG A 62 5.27 3.31 -6.38
N ILE A 63 5.10 3.45 -7.67
CA ILE A 63 5.83 2.63 -8.63
C ILE A 63 6.57 3.58 -9.57
N PHE A 64 7.85 3.31 -9.78
CA PHE A 64 8.68 4.08 -10.69
C PHE A 64 9.20 3.15 -11.78
N ASN A 65 9.38 3.69 -12.98
CA ASN A 65 9.97 2.95 -14.07
C ASN A 65 11.47 3.25 -14.16
N ALA A 66 12.15 2.61 -15.11
CA ALA A 66 13.60 2.73 -15.18
C ALA A 66 14.06 4.12 -15.59
N ASP A 67 13.18 4.89 -16.23
CA ASP A 67 13.50 6.27 -16.57
C ASP A 67 13.44 7.20 -15.37
N GLY A 68 12.96 6.71 -14.23
CA GLY A 68 12.86 7.50 -13.02
C GLY A 68 11.54 8.23 -12.85
N SER A 69 10.52 7.88 -13.65
CA SER A 69 9.22 8.52 -13.62
C SER A 69 8.24 7.70 -12.79
N GLU A 70 7.37 8.40 -12.09
CA GLU A 70 6.31 7.71 -11.37
C GLU A 70 5.29 7.16 -12.35
N VAL A 71 4.84 5.94 -12.10
CA VAL A 71 3.93 5.23 -13.00
C VAL A 71 2.60 5.09 -12.27
N ALA A 72 1.51 5.39 -12.99
CA ALA A 72 0.17 5.36 -12.40
C ALA A 72 -0.73 4.48 -13.25
N GLN A 73 -0.68 3.20 -13.02
CA GLN A 73 -1.54 2.25 -13.70
C GLN A 73 -2.32 1.53 -12.62
N CYS A 74 -3.64 1.43 -12.76
CA CYS A 74 -4.51 0.92 -11.70
C CYS A 74 -4.12 -0.49 -11.29
N GLY A 75 -3.94 -0.69 -9.98
CA GLY A 75 -3.63 -1.99 -9.42
C GLY A 75 -2.20 -2.46 -9.58
N ASN A 76 -1.35 -1.69 -10.27
CA ASN A 76 0.02 -2.11 -10.54
C ASN A 76 0.77 -2.42 -9.24
N GLY A 77 1.37 -3.60 -9.17
CA GLY A 77 2.22 -4.00 -8.04
C GLY A 77 1.48 -4.43 -6.79
N ALA A 78 0.16 -4.54 -6.84
CA ALA A 78 -0.63 -4.69 -5.62
C ALA A 78 -0.29 -5.99 -4.89
N ARG A 79 -0.03 -7.07 -5.64
CA ARG A 79 0.23 -8.36 -5.01
C ARG A 79 1.60 -8.37 -4.32
N CYS A 80 2.62 -7.93 -5.05
CA CYS A 80 3.94 -7.80 -4.45
C CYS A 80 3.89 -6.92 -3.21
N PHE A 81 3.20 -5.78 -3.31
CA PHE A 81 3.10 -4.87 -2.17
C PHE A 81 2.50 -5.58 -0.94
N ALA A 82 1.34 -6.22 -1.11
CA ALA A 82 0.67 -6.81 0.04
C ALA A 82 1.51 -7.90 0.69
N ARG A 83 2.12 -8.75 -0.16
CA ARG A 83 2.96 -9.79 0.40
C ARG A 83 4.21 -9.22 1.05
N PHE A 84 4.79 -8.17 0.47
CA PHE A 84 6.00 -7.58 1.03
C PHE A 84 5.76 -7.02 2.43
N VAL A 85 4.68 -6.23 2.60
CA VAL A 85 4.50 -5.63 3.91
C VAL A 85 4.24 -6.71 4.95
N ARG A 86 3.61 -7.84 4.56
CA ARG A 86 3.50 -8.89 5.56
C ARG A 86 4.81 -9.62 5.80
N LEU A 87 5.56 -9.97 4.75
CA LEU A 87 6.81 -10.69 4.93
C LEU A 87 7.80 -9.89 5.74
N LYS A 88 7.78 -8.57 5.61
CA LYS A 88 8.73 -7.73 6.33
C LYS A 88 8.23 -7.29 7.70
N GLY A 89 7.07 -7.78 8.14
CA GLY A 89 6.56 -7.43 9.46
C GLY A 89 6.15 -6.00 9.63
N LEU A 90 5.85 -5.29 8.53
CA LEU A 90 5.28 -3.96 8.62
C LEU A 90 3.80 -3.98 8.95
N THR A 91 3.11 -5.08 8.68
CA THR A 91 1.74 -5.26 9.13
C THR A 91 1.49 -6.76 9.31
N ASN A 92 0.43 -7.04 10.07
CA ASN A 92 -0.03 -8.38 10.31
C ASN A 92 -1.47 -8.46 9.83
N LYS A 93 -1.93 -7.41 9.14
CA LYS A 93 -3.30 -7.40 8.66
C LYS A 93 -3.45 -8.30 7.44
N ARG A 94 -4.63 -8.91 7.33
CA ARG A 94 -4.97 -9.65 6.11
C ARG A 94 -5.72 -8.79 5.10
N ASP A 95 -6.43 -7.77 5.57
CA ASP A 95 -7.06 -6.75 4.71
C ASP A 95 -6.25 -5.47 4.90
N ILE A 96 -5.54 -5.06 3.86
CA ILE A 96 -4.57 -3.97 3.89
C ILE A 96 -5.14 -2.84 3.06
N ARG A 97 -5.31 -1.68 3.69
CA ARG A 97 -5.83 -0.49 3.02
C ARG A 97 -4.66 0.37 2.56
N VAL A 98 -4.64 0.72 1.27
CA VAL A 98 -3.45 1.35 0.71
C VAL A 98 -3.87 2.40 -0.30
N SER A 99 -3.13 3.50 -0.35
CA SER A 99 -3.27 4.49 -1.40
C SER A 99 -2.14 4.34 -2.40
N THR A 100 -2.45 4.67 -3.65
CA THR A 100 -1.53 4.61 -4.79
C THR A 100 -1.76 5.85 -5.63
N ALA A 101 -0.96 5.98 -6.69
CA ALA A 101 -1.16 7.08 -7.64
C ALA A 101 -2.57 7.09 -8.22
N ASN A 102 -3.24 5.95 -8.26
CA ASN A 102 -4.55 5.86 -8.87
C ASN A 102 -5.70 5.85 -7.87
N GLY A 103 -5.43 6.03 -6.59
CA GLY A 103 -6.52 6.03 -5.62
C GLY A 103 -6.29 4.99 -4.56
N ARG A 104 -7.31 4.53 -3.87
CA ARG A 104 -7.07 3.58 -2.79
C ARG A 104 -7.67 2.22 -3.10
N MET A 105 -7.11 1.22 -2.45
CA MET A 105 -7.53 -0.17 -2.58
C MET A 105 -7.58 -0.80 -1.20
N VAL A 106 -8.41 -1.82 -1.08
CA VAL A 106 -8.32 -2.78 0.03
C VAL A 106 -7.87 -4.10 -0.57
N LEU A 107 -6.70 -4.55 -0.18
CA LEU A 107 -6.11 -5.78 -0.66
C LEU A 107 -6.29 -6.86 0.39
N THR A 108 -6.67 -8.06 -0.03
CA THR A 108 -6.84 -9.16 0.93
C THR A 108 -5.81 -10.24 0.67
N VAL A 109 -5.06 -10.61 1.70
CA VAL A 109 -4.10 -11.70 1.60
C VAL A 109 -4.82 -12.97 2.05
N THR A 110 -5.00 -13.91 1.13
CA THR A 110 -5.73 -15.14 1.42
C THR A 110 -4.86 -16.10 2.22
N ASP A 111 -5.45 -17.23 2.60
CA ASP A 111 -4.75 -18.16 3.48
C ASP A 111 -3.64 -18.91 2.77
N ASP A 112 -3.71 -19.00 1.45
CA ASP A 112 -2.66 -19.64 0.68
C ASP A 112 -1.70 -18.62 0.16
N ASP A 113 -1.67 -17.48 0.80
CA ASP A 113 -0.79 -16.38 0.47
C ASP A 113 -0.97 -15.77 -0.88
N LEU A 114 -2.17 -15.74 -1.36
CA LEU A 114 -2.44 -15.07 -2.59
C LEU A 114 -3.05 -13.72 -2.26
N VAL A 115 -3.10 -12.84 -3.22
CA VAL A 115 -3.56 -11.49 -2.96
C VAL A 115 -4.75 -11.23 -3.86
N ARG A 116 -5.86 -10.85 -3.24
CA ARG A 116 -7.13 -10.62 -3.91
C ARG A 116 -7.43 -9.13 -3.96
N VAL A 117 -7.78 -8.68 -5.16
CA VAL A 117 -8.06 -7.29 -5.51
C VAL A 117 -9.51 -7.19 -5.98
N ASN A 118 -10.26 -6.27 -5.39
CA ASN A 118 -11.59 -5.90 -5.87
C ASN A 118 -11.45 -5.04 -7.12
N MET A 119 -11.84 -5.58 -8.27
CA MET A 119 -11.66 -4.90 -9.54
C MET A 119 -12.86 -4.07 -9.96
N GLY A 120 -13.88 -3.97 -9.11
CA GLY A 120 -15.08 -3.23 -9.45
C GLY A 120 -16.06 -4.05 -10.26
N GLU A 121 -17.23 -3.45 -10.54
CA GLU A 121 -18.23 -4.25 -11.25
C GLU A 121 -18.06 -4.07 -12.75
N PRO A 122 -17.95 -5.17 -13.50
CA PRO A 122 -17.84 -5.05 -14.96
C PRO A 122 -19.07 -4.36 -15.54
N ASN A 123 -18.84 -3.60 -16.61
CA ASN A 123 -19.87 -2.77 -17.23
C ASN A 123 -20.00 -3.19 -18.68
N PHE A 124 -21.20 -3.63 -19.06
CA PHE A 124 -21.45 -4.12 -20.42
C PHE A 124 -22.17 -3.12 -21.29
N GLU A 125 -22.56 -1.97 -20.75
CA GLU A 125 -23.15 -0.90 -21.55
C GLU A 125 -22.19 -0.49 -22.66
N PRO A 126 -22.56 -0.62 -23.93
CA PRO A 126 -21.61 -0.26 -25.01
C PRO A 126 -21.08 1.17 -24.91
N SER A 127 -21.94 2.12 -24.52
CA SER A 127 -21.50 3.50 -24.40
C SER A 127 -20.36 3.64 -23.40
N ALA A 128 -20.31 2.80 -22.38
CA ALA A 128 -19.27 2.87 -21.36
C ALA A 128 -17.99 2.16 -21.77
N VAL A 129 -17.95 1.51 -22.92
CA VAL A 129 -16.78 0.70 -23.24
C VAL A 129 -15.62 1.59 -23.70
N PRO A 130 -15.76 2.42 -24.77
CA PRO A 130 -16.87 2.66 -25.69
C PRO A 130 -16.91 1.66 -26.84
N PHE A 131 -18.12 1.26 -27.21
CA PHE A 131 -18.35 0.28 -28.27
C PHE A 131 -19.54 0.74 -29.10
N ARG A 132 -19.40 0.62 -30.42
CA ARG A 132 -20.43 1.07 -31.35
C ARG A 132 -21.42 -0.07 -31.56
N ALA A 133 -22.55 0.01 -30.85
CA ALA A 133 -23.64 -0.96 -30.90
C ALA A 133 -24.85 -0.34 -30.23
N ASN A 134 -26.05 -0.77 -30.64
CA ASN A 134 -27.26 -0.06 -30.22
C ASN A 134 -27.66 -0.41 -28.79
N LYS A 135 -27.48 -1.66 -28.38
CA LYS A 135 -27.77 -2.05 -27.00
C LYS A 135 -26.85 -3.19 -26.61
N ALA A 136 -26.75 -3.40 -25.30
CA ALA A 136 -25.93 -4.48 -24.79
C ALA A 136 -26.46 -5.84 -25.25
N GLU A 137 -25.63 -6.57 -25.99
CA GLU A 137 -25.90 -7.95 -26.32
C GLU A 137 -24.87 -8.85 -25.64
N LYS A 138 -25.30 -10.06 -25.29
CA LYS A 138 -24.40 -11.03 -24.71
C LYS A 138 -23.34 -11.48 -25.74
N THR A 139 -23.67 -11.43 -27.03
CA THR A 139 -22.75 -11.77 -28.09
C THR A 139 -22.98 -10.84 -29.27
N TYR A 140 -21.89 -10.37 -29.87
CA TYR A 140 -21.90 -9.46 -31.01
C TYR A 140 -21.22 -10.11 -32.20
N ILE A 141 -21.61 -9.60 -33.37
CA ILE A 141 -21.11 -10.00 -34.68
C ILE A 141 -20.32 -8.83 -35.27
N MET A 142 -19.09 -9.13 -35.64
CA MET A 142 -18.12 -8.21 -36.21
C MET A 142 -17.38 -8.87 -37.37
N ARG A 143 -17.17 -8.07 -38.41
CA ARG A 143 -16.42 -8.44 -39.60
C ARG A 143 -15.02 -7.84 -39.49
N ALA A 144 -14.02 -8.71 -39.47
CA ALA A 144 -12.61 -8.38 -39.34
C ALA A 144 -11.91 -8.82 -40.61
N ALA A 145 -11.55 -7.86 -41.45
CA ALA A 145 -11.01 -8.13 -42.77
C ALA A 145 -11.95 -9.04 -43.55
N GLU A 146 -11.43 -10.17 -44.04
CA GLU A 146 -12.22 -11.17 -44.73
C GLU A 146 -12.81 -12.21 -43.78
N GLN A 147 -13.24 -11.81 -42.58
CA GLN A 147 -13.70 -12.75 -41.57
C GLN A 147 -14.93 -12.20 -40.86
N THR A 148 -15.76 -13.10 -40.32
CA THR A 148 -16.80 -12.75 -39.36
C THR A 148 -16.45 -13.38 -38.02
N ILE A 149 -16.71 -12.65 -36.94
CA ILE A 149 -16.27 -13.02 -35.60
C ILE A 149 -17.43 -12.83 -34.64
N LEU A 150 -17.59 -13.78 -33.71
CA LEU A 150 -18.46 -13.64 -32.56
C LEU A 150 -17.62 -13.22 -31.36
N CYS A 151 -18.13 -12.25 -30.59
CA CYS A 151 -17.34 -11.72 -29.49
C CYS A 151 -18.24 -11.19 -28.40
N GLY A 152 -17.67 -11.08 -27.19
CA GLY A 152 -18.31 -10.33 -26.12
C GLY A 152 -17.55 -9.04 -25.89
N VAL A 153 -18.18 -8.02 -25.33
CA VAL A 153 -17.56 -6.71 -25.12
C VAL A 153 -17.88 -6.24 -23.72
N VAL A 154 -16.86 -5.84 -22.96
CA VAL A 154 -17.08 -5.34 -21.60
C VAL A 154 -16.01 -4.30 -21.27
N SER A 155 -16.35 -3.42 -20.33
CA SER A 155 -15.41 -2.46 -19.76
C SER A 155 -15.08 -2.86 -18.32
N MET A 156 -13.78 -3.02 -18.04
CA MET A 156 -13.29 -3.16 -16.68
C MET A 156 -12.72 -1.85 -16.14
N GLY A 157 -13.20 -0.71 -16.66
CA GLY A 157 -12.51 0.54 -16.60
C GLY A 157 -11.76 0.84 -17.88
N ASN A 158 -11.25 -0.18 -18.54
CA ASN A 158 -10.70 -0.12 -19.88
C ASN A 158 -11.50 -1.03 -20.80
N PRO A 159 -11.41 -0.84 -22.13
CA PRO A 159 -12.24 -1.61 -23.06
C PRO A 159 -11.69 -2.97 -23.46
N HIS A 160 -12.60 -3.94 -23.54
CA HIS A 160 -12.21 -5.32 -23.87
C HIS A 160 -13.21 -5.97 -24.83
N CYS A 161 -12.65 -6.72 -25.77
CA CYS A 161 -13.39 -7.56 -26.71
C CYS A 161 -12.82 -8.98 -26.58
N VAL A 162 -13.68 -9.92 -26.18
CA VAL A 162 -13.25 -11.31 -26.02
C VAL A 162 -13.86 -12.23 -27.07
N ILE A 163 -13.01 -13.09 -27.53
CA ILE A 163 -13.26 -14.02 -28.58
C ILE A 163 -12.99 -15.43 -28.11
N GLN A 164 -13.93 -16.35 -28.28
CA GLN A 164 -13.60 -17.73 -27.92
C GLN A 164 -12.70 -18.37 -28.98
N VAL A 165 -11.72 -19.11 -28.51
CA VAL A 165 -10.74 -19.77 -29.37
C VAL A 165 -10.59 -21.20 -28.87
N ASP A 166 -10.44 -22.14 -29.79
CA ASP A 166 -10.40 -23.54 -29.38
C ASP A 166 -9.01 -23.99 -28.97
N ASP A 167 -7.96 -23.23 -29.33
CA ASP A 167 -6.62 -23.49 -28.80
C ASP A 167 -5.84 -22.18 -28.89
N VAL A 168 -5.40 -21.67 -27.74
CA VAL A 168 -4.74 -20.37 -27.71
C VAL A 168 -3.37 -20.43 -28.37
N ASP A 169 -2.73 -21.61 -28.38
CA ASP A 169 -1.44 -21.73 -29.04
C ASP A 169 -1.56 -21.60 -30.55
N THR A 170 -2.74 -21.90 -31.12
CA THR A 170 -2.93 -21.85 -32.57
C THR A 170 -3.49 -20.51 -33.05
N ALA A 171 -4.29 -19.83 -32.24
CA ALA A 171 -5.05 -18.68 -32.71
C ALA A 171 -4.14 -17.58 -33.24
N ALA A 172 -4.65 -16.86 -34.24
CA ALA A 172 -3.89 -15.82 -34.91
C ALA A 172 -4.04 -14.50 -34.15
N VAL A 173 -3.38 -14.47 -33.00
CA VAL A 173 -3.38 -13.24 -32.20
C VAL A 173 -2.63 -12.14 -32.93
N GLU A 174 -1.69 -12.50 -33.82
CA GLU A 174 -0.90 -11.51 -34.52
C GLU A 174 -1.61 -10.95 -35.74
N THR A 175 -2.65 -11.62 -36.23
CA THR A 175 -3.41 -11.12 -37.36
C THR A 175 -4.76 -10.54 -36.94
N LEU A 176 -5.58 -11.32 -36.23
CA LEU A 176 -6.88 -10.82 -35.79
C LEU A 176 -6.74 -9.76 -34.71
N GLY A 177 -5.74 -9.91 -33.85
CA GLY A 177 -5.47 -8.96 -32.78
C GLY A 177 -5.43 -7.51 -33.24
N PRO A 178 -4.51 -7.18 -34.15
CA PRO A 178 -4.43 -5.78 -34.63
C PRO A 178 -5.70 -5.32 -35.32
N VAL A 179 -6.38 -6.21 -36.04
CA VAL A 179 -7.58 -5.80 -36.77
C VAL A 179 -8.70 -5.41 -35.81
N LEU A 180 -8.85 -6.16 -34.71
CA LEU A 180 -9.93 -5.83 -33.79
C LEU A 180 -9.52 -4.74 -32.81
N GLU A 181 -8.23 -4.66 -32.49
CA GLU A 181 -7.73 -3.64 -31.56
C GLU A 181 -8.11 -2.24 -32.01
N SER A 182 -7.88 -1.93 -33.28
CA SER A 182 -8.22 -0.64 -33.87
C SER A 182 -9.40 -0.72 -34.81
N HIS A 183 -10.34 -1.63 -34.52
CA HIS A 183 -11.56 -1.76 -35.31
C HIS A 183 -12.42 -0.50 -35.17
N GLU A 184 -13.13 -0.16 -36.25
CA GLU A 184 -13.89 1.09 -36.31
C GLU A 184 -14.92 1.19 -35.18
N ARG A 185 -15.46 0.06 -34.72
CA ARG A 185 -16.47 0.07 -33.68
C ARG A 185 -15.89 0.29 -32.29
N PHE A 186 -14.58 0.37 -32.16
CA PHE A 186 -13.90 0.73 -30.91
C PHE A 186 -13.22 2.07 -31.13
N PRO A 187 -13.91 3.19 -30.89
CA PRO A 187 -13.30 4.51 -31.16
C PRO A 187 -12.02 4.74 -30.36
N GLU A 188 -11.94 4.19 -29.15
CA GLU A 188 -10.78 4.32 -28.30
C GLU A 188 -9.98 3.03 -28.22
N ARG A 189 -10.11 2.20 -29.27
CA ARG A 189 -9.47 0.89 -29.38
C ARG A 189 -9.92 -0.06 -28.27
N ALA A 190 -9.40 -1.28 -28.26
CA ALA A 190 -9.83 -2.27 -27.29
C ALA A 190 -8.75 -3.32 -27.12
N ASN A 191 -8.75 -3.95 -25.95
CA ASN A 191 -7.87 -5.06 -25.63
C ASN A 191 -8.62 -6.25 -26.21
N ILE A 192 -7.91 -7.12 -26.92
CA ILE A 192 -8.53 -8.25 -27.58
C ILE A 192 -8.06 -9.53 -26.90
N GLY A 193 -9.00 -10.23 -26.26
CA GLY A 193 -8.70 -11.46 -25.55
C GLY A 193 -9.10 -12.68 -26.36
N PHE A 194 -8.20 -13.66 -26.39
CA PHE A 194 -8.38 -14.92 -27.11
C PHE A 194 -8.53 -16.03 -26.05
N MET A 195 -9.77 -16.42 -25.76
CA MET A 195 -10.11 -17.27 -24.63
C MET A 195 -10.35 -18.71 -25.07
N GLN A 196 -9.62 -19.65 -24.47
CA GLN A 196 -9.86 -21.08 -24.65
C GLN A 196 -10.52 -21.61 -23.37
N VAL A 197 -11.78 -22.05 -23.49
CA VAL A 197 -12.54 -22.59 -22.37
C VAL A 197 -12.15 -24.06 -22.21
N VAL A 198 -11.33 -24.37 -21.19
CA VAL A 198 -10.98 -25.75 -20.89
C VAL A 198 -12.09 -26.42 -20.09
N LYS A 199 -12.59 -25.70 -19.08
CA LYS A 199 -13.67 -26.15 -18.22
C LYS A 199 -14.43 -24.93 -17.69
N ARG A 200 -15.70 -25.11 -17.32
CA ARG A 200 -16.48 -23.98 -16.81
C ARG A 200 -15.72 -23.16 -15.77
N GLU A 201 -14.69 -23.73 -15.16
CA GLU A 201 -13.92 -23.08 -14.11
C GLU A 201 -12.44 -22.95 -14.48
N HIS A 202 -12.11 -23.05 -15.77
CA HIS A 202 -10.72 -23.04 -16.19
C HIS A 202 -10.62 -22.60 -17.64
N ILE A 203 -9.94 -21.48 -17.89
CA ILE A 203 -9.69 -20.99 -19.24
C ILE A 203 -8.20 -20.75 -19.43
N ARG A 204 -7.78 -20.81 -20.69
CA ARG A 204 -6.49 -20.31 -21.11
C ARG A 204 -6.71 -19.04 -21.91
N LEU A 205 -5.74 -18.13 -21.87
CA LEU A 205 -5.99 -16.81 -22.43
C LEU A 205 -4.71 -16.22 -22.98
N ARG A 206 -4.84 -15.53 -24.11
CA ARG A 206 -3.84 -14.62 -24.62
C ARG A 206 -4.53 -13.30 -24.91
N VAL A 207 -3.80 -12.21 -24.74
CA VAL A 207 -4.39 -10.87 -24.85
C VAL A 207 -3.53 -10.03 -25.77
N TYR A 208 -4.15 -9.49 -26.81
CA TYR A 208 -3.53 -8.45 -27.64
C TYR A 208 -3.97 -7.11 -27.06
N GLU A 209 -3.07 -6.49 -26.30
CA GLU A 209 -3.41 -5.30 -25.55
C GLU A 209 -3.53 -4.08 -26.46
N ARG A 210 -4.40 -3.16 -26.05
CA ARG A 210 -4.59 -1.88 -26.72
C ARG A 210 -3.25 -1.16 -26.84
N GLY A 211 -2.71 -1.04 -28.06
CA GLY A 211 -1.47 -0.34 -28.29
C GLY A 211 -0.18 -1.08 -27.97
N ALA A 212 -0.24 -2.02 -27.03
CA ALA A 212 0.97 -2.70 -26.56
C ALA A 212 1.19 -4.06 -27.20
N GLY A 213 0.23 -4.59 -27.94
CA GLY A 213 0.37 -5.93 -28.49
C GLY A 213 0.24 -7.01 -27.43
N GLU A 214 0.76 -8.19 -27.75
CA GLU A 214 0.61 -9.33 -26.86
C GLU A 214 1.55 -9.20 -25.67
N THR A 215 0.98 -9.19 -24.47
CA THR A 215 1.73 -9.17 -23.23
C THR A 215 1.61 -10.53 -22.55
N GLN A 216 2.31 -10.69 -21.42
CA GLN A 216 2.37 -11.96 -20.74
C GLN A 216 1.33 -12.12 -19.63
N ALA A 217 0.84 -11.01 -19.06
CA ALA A 217 -0.05 -11.11 -17.91
C ALA A 217 -0.91 -9.86 -17.73
N CYS A 218 -1.89 -9.68 -18.60
CA CYS A 218 -2.83 -8.55 -18.50
C CYS A 218 -3.95 -8.93 -17.54
N GLY A 219 -3.93 -8.36 -16.33
CA GLY A 219 -4.93 -8.71 -15.33
C GLY A 219 -6.34 -8.29 -15.71
N SER A 220 -6.49 -7.05 -16.19
CA SER A 220 -7.82 -6.59 -16.58
C SER A 220 -8.38 -7.43 -17.73
N GLY A 221 -7.50 -7.96 -18.58
CA GLY A 221 -7.97 -8.83 -19.66
C GLY A 221 -8.47 -10.16 -19.16
N ALA A 222 -7.80 -10.72 -18.14
CA ALA A 222 -8.30 -11.94 -17.49
C ALA A 222 -9.66 -11.69 -16.85
N CYS A 223 -9.81 -10.56 -16.14
CA CYS A 223 -11.09 -10.17 -15.58
C CYS A 223 -12.16 -10.07 -16.66
N ALA A 224 -11.82 -9.45 -17.78
CA ALA A 224 -12.82 -9.23 -18.83
C ALA A 224 -13.22 -10.53 -19.50
N ALA A 225 -12.25 -11.39 -19.79
CA ALA A 225 -12.55 -12.69 -20.36
C ALA A 225 -13.51 -13.46 -19.47
N VAL A 226 -13.23 -13.51 -18.17
CA VAL A 226 -14.12 -14.24 -17.28
C VAL A 226 -15.47 -13.56 -17.16
N ALA A 227 -15.49 -12.22 -17.19
CA ALA A 227 -16.76 -11.53 -17.05
C ALA A 227 -17.65 -11.79 -18.25
N VAL A 228 -17.08 -11.78 -19.45
CA VAL A 228 -17.86 -12.07 -20.64
C VAL A 228 -18.28 -13.54 -20.65
N GLY A 229 -17.37 -14.44 -20.31
CA GLY A 229 -17.70 -15.85 -20.29
C GLY A 229 -18.82 -16.17 -19.31
N ILE A 230 -18.81 -15.51 -18.15
CA ILE A 230 -19.89 -15.66 -17.19
C ILE A 230 -21.18 -15.06 -17.74
N GLN A 231 -21.08 -13.87 -18.34
CA GLN A 231 -22.27 -13.22 -18.92
C GLN A 231 -22.88 -14.07 -20.03
N GLN A 232 -22.06 -14.84 -20.74
CA GLN A 232 -22.50 -15.68 -21.83
C GLN A 232 -22.95 -17.08 -21.38
N GLY A 233 -23.03 -17.31 -20.07
CA GLY A 233 -23.44 -18.60 -19.55
C GLY A 233 -22.43 -19.71 -19.75
N LEU A 234 -21.17 -19.38 -20.03
CA LEU A 234 -20.18 -20.40 -20.32
C LEU A 234 -19.27 -20.75 -19.15
N LEU A 235 -19.26 -19.96 -18.08
CA LEU A 235 -18.24 -20.10 -17.04
C LEU A 235 -18.88 -20.10 -15.65
N ALA A 236 -18.19 -20.75 -14.72
CA ALA A 236 -18.62 -20.80 -13.34
C ALA A 236 -18.35 -19.47 -12.62
N GLU A 237 -18.75 -19.42 -11.35
CA GLU A 237 -18.55 -18.26 -10.49
C GLU A 237 -17.08 -18.00 -10.17
N GLU A 238 -16.23 -19.03 -10.22
CA GLU A 238 -14.82 -18.90 -9.93
C GLU A 238 -14.06 -19.61 -11.05
N VAL A 239 -13.16 -18.89 -11.70
CA VAL A 239 -12.47 -19.37 -12.88
C VAL A 239 -10.97 -19.22 -12.68
N ARG A 240 -10.24 -20.30 -12.92
CA ARG A 240 -8.79 -20.22 -13.05
C ARG A 240 -8.45 -19.75 -14.47
N VAL A 241 -7.60 -18.73 -14.56
CA VAL A 241 -7.19 -18.16 -15.84
C VAL A 241 -5.70 -18.43 -16.01
N GLU A 242 -5.35 -19.13 -17.09
CA GLU A 242 -3.94 -19.41 -17.38
C GLU A 242 -3.49 -18.48 -18.51
N LEU A 243 -2.60 -17.57 -18.17
CA LEU A 243 -2.00 -16.62 -19.09
C LEU A 243 -0.55 -17.01 -19.36
N PRO A 244 0.02 -16.58 -20.50
CA PRO A 244 1.43 -16.85 -20.78
C PRO A 244 2.36 -16.64 -19.60
N GLY A 245 2.05 -15.64 -18.77
CA GLY A 245 2.90 -15.25 -17.66
C GLY A 245 2.55 -15.82 -16.31
N GLY A 246 1.55 -16.67 -16.21
CA GLY A 246 1.20 -17.26 -14.93
C GLY A 246 -0.30 -17.42 -14.80
N ARG A 247 -0.74 -17.71 -13.57
CA ARG A 247 -2.14 -18.02 -13.29
C ARG A 247 -2.79 -16.94 -12.43
N LEU A 248 -4.03 -16.61 -12.77
CA LEU A 248 -4.90 -15.78 -11.94
C LEU A 248 -6.16 -16.58 -11.61
N ASP A 249 -6.93 -16.08 -10.64
CA ASP A 249 -8.19 -16.68 -10.24
C ASP A 249 -9.24 -15.58 -10.10
N ILE A 250 -10.22 -15.59 -10.98
CA ILE A 250 -11.26 -14.58 -11.03
C ILE A 250 -12.51 -15.10 -10.33
N ALA A 251 -13.20 -14.22 -9.61
CA ALA A 251 -14.45 -14.56 -8.94
C ALA A 251 -15.47 -13.46 -9.18
N TRP A 252 -16.66 -13.85 -9.61
CA TRP A 252 -17.70 -12.84 -9.87
C TRP A 252 -19.06 -13.52 -9.77
N LYS A 253 -19.96 -12.90 -9.01
CA LYS A 253 -21.31 -13.40 -8.84
C LYS A 253 -22.28 -12.78 -9.85
N GLY A 254 -21.78 -12.05 -10.84
CA GLY A 254 -22.62 -11.49 -11.87
C GLY A 254 -23.07 -10.07 -11.57
N PRO A 255 -23.91 -9.51 -12.44
CA PRO A 255 -24.32 -8.11 -12.29
C PRO A 255 -24.82 -7.79 -10.89
N GLY A 256 -24.54 -6.55 -10.45
CA GLY A 256 -24.77 -6.16 -9.08
C GLY A 256 -23.66 -6.51 -8.10
N HIS A 257 -22.63 -7.23 -8.52
CA HIS A 257 -21.51 -7.62 -7.68
C HIS A 257 -20.20 -7.10 -8.24
N PRO A 258 -19.20 -6.84 -7.40
CA PRO A 258 -17.85 -6.60 -7.91
C PRO A 258 -17.16 -7.90 -8.30
N LEU A 259 -16.20 -7.77 -9.22
CA LEU A 259 -15.37 -8.88 -9.64
C LEU A 259 -14.03 -8.83 -8.92
N TYR A 260 -13.58 -9.98 -8.42
CA TYR A 260 -12.34 -10.10 -7.67
C TYR A 260 -11.30 -10.84 -8.49
N MET A 261 -10.06 -10.37 -8.43
CA MET A 261 -8.93 -11.02 -9.10
C MET A 261 -7.90 -11.39 -8.06
N THR A 262 -7.53 -12.67 -8.03
CA THR A 262 -6.60 -13.20 -7.06
C THR A 262 -5.36 -13.71 -7.77
N GLY A 263 -4.19 -13.34 -7.26
CA GLY A 263 -2.96 -13.70 -7.91
C GLY A 263 -1.82 -13.84 -6.93
N PRO A 264 -0.74 -14.47 -7.37
CA PRO A 264 0.41 -14.68 -6.49
C PRO A 264 1.40 -13.53 -6.59
N ALA A 265 2.35 -13.54 -5.67
CA ALA A 265 3.53 -12.70 -5.74
C ALA A 265 4.68 -13.53 -5.17
N VAL A 266 5.76 -13.66 -5.92
CA VAL A 266 6.87 -14.50 -5.53
C VAL A 266 7.93 -13.61 -4.90
N HIS A 267 8.36 -13.97 -3.71
CA HIS A 267 9.51 -13.31 -3.11
C HIS A 267 10.78 -13.95 -3.68
N VAL A 268 11.44 -13.22 -4.58
CA VAL A 268 12.58 -13.78 -5.32
C VAL A 268 13.87 -13.67 -4.53
N TYR A 269 14.17 -12.49 -3.97
CA TYR A 269 15.40 -12.35 -3.21
C TYR A 269 15.29 -11.16 -2.26
N ASP A 270 16.26 -11.07 -1.36
CA ASP A 270 16.59 -9.87 -0.61
C ASP A 270 17.98 -9.40 -1.01
N GLY A 271 18.24 -8.12 -0.80
CA GLY A 271 19.53 -7.56 -1.10
C GLY A 271 19.75 -6.28 -0.34
N PHE A 272 20.96 -5.74 -0.46
CA PHE A 272 21.25 -4.41 0.04
C PHE A 272 22.15 -3.72 -0.96
N ILE A 273 22.07 -2.40 -0.99
CA ILE A 273 22.93 -1.60 -1.85
C ILE A 273 23.28 -0.33 -1.11
N HIS A 274 24.58 0.01 -1.09
CA HIS A 274 25.04 1.23 -0.45
C HIS A 274 24.75 2.41 -1.36
N LEU A 275 23.97 3.37 -0.85
CA LEU A 275 23.48 4.47 -1.67
C LEU A 275 24.55 5.54 -1.90
N SER B 1 18.32 22.47 34.88
CA SER B 1 19.29 21.76 35.70
C SER B 1 19.47 20.32 35.22
N MET B 2 18.43 19.76 34.62
CA MET B 2 18.48 18.40 34.11
C MET B 2 19.18 18.30 32.76
N ILE B 3 19.43 19.44 32.09
CA ILE B 3 20.16 19.43 30.83
C ILE B 3 21.53 18.78 31.04
N ASP B 4 21.89 17.85 30.16
CA ASP B 4 23.16 17.16 30.31
C ASP B 4 24.29 18.03 29.74
N ASP B 5 25.51 17.48 29.68
CA ASP B 5 26.66 18.29 29.29
C ASP B 5 26.69 18.60 27.80
N ASP B 6 25.92 17.86 26.99
CA ASP B 6 25.82 18.12 25.57
C ASP B 6 24.70 19.10 25.23
N GLY B 7 23.83 19.43 26.18
CA GLY B 7 22.70 20.29 25.92
C GLY B 7 21.37 19.57 25.70
N TYR B 8 21.32 18.27 25.96
CA TYR B 8 20.10 17.48 25.77
C TYR B 8 19.37 17.30 27.09
N ARG B 9 18.08 17.60 27.08
CA ARG B 9 17.24 17.33 28.24
C ARG B 9 16.75 15.89 28.21
N PRO B 10 16.96 15.11 29.27
CA PRO B 10 16.36 13.77 29.34
C PRO B 10 14.84 13.87 29.30
N ASN B 11 14.22 12.90 28.64
CA ASN B 11 12.84 13.08 28.18
C ASN B 11 12.24 11.70 27.96
N VAL B 12 10.91 11.57 28.14
CA VAL B 12 10.20 10.33 27.85
C VAL B 12 9.12 10.60 26.81
N GLY B 13 9.00 9.69 25.84
CA GLY B 13 7.95 9.79 24.84
C GLY B 13 7.01 8.61 24.95
N ILE B 14 5.77 8.77 24.50
CA ILE B 14 4.72 7.81 24.78
C ILE B 14 3.97 7.45 23.49
N VAL B 15 3.99 6.17 23.13
CA VAL B 15 3.18 5.63 22.04
C VAL B 15 2.07 4.79 22.68
N ILE B 16 0.84 5.29 22.62
CA ILE B 16 -0.33 4.62 23.18
C ILE B 16 -1.07 3.90 22.06
N CYS B 17 -1.18 2.57 22.15
CA CYS B 17 -1.91 1.82 21.14
C CYS B 17 -3.22 1.27 21.70
N ASN B 18 -4.17 0.99 20.80
CA ASN B 18 -5.39 0.31 21.21
C ASN B 18 -5.32 -1.14 20.73
N ARG B 19 -6.43 -1.88 20.87
CA ARG B 19 -6.40 -3.28 20.51
C ARG B 19 -6.46 -3.52 19.01
N GLN B 20 -6.95 -2.53 18.25
CA GLN B 20 -6.91 -2.60 16.79
C GLN B 20 -5.54 -2.23 16.20
N GLY B 21 -4.53 -1.97 17.02
CA GLY B 21 -3.23 -1.59 16.50
C GLY B 21 -3.12 -0.18 15.97
N GLN B 22 -4.09 0.68 16.25
CA GLN B 22 -3.96 2.11 16.03
C GLN B 22 -3.14 2.74 17.16
N VAL B 23 -2.67 3.99 16.94
CA VAL B 23 -1.90 4.69 17.95
C VAL B 23 -2.50 6.07 18.18
N MET B 24 -2.36 6.55 19.40
CA MET B 24 -2.95 7.84 19.75
C MET B 24 -2.11 8.99 19.21
N TRP B 25 -2.76 9.92 18.55
CA TRP B 25 -2.15 11.07 17.91
C TRP B 25 -2.79 12.32 18.53
N ALA B 26 -1.98 13.24 19.04
CA ALA B 26 -2.46 14.35 19.86
C ALA B 26 -2.17 15.66 19.17
N ARG B 27 -3.12 16.60 19.26
CA ARG B 27 -3.00 17.89 18.61
C ARG B 27 -2.44 18.92 19.58
N ARG B 28 -1.38 19.60 19.16
CA ARG B 28 -0.74 20.61 20.00
C ARG B 28 -1.71 21.75 20.27
N PHE B 29 -1.78 22.17 21.54
CA PHE B 29 -2.74 23.15 22.00
C PHE B 29 -2.71 24.41 21.15
N GLY B 30 -3.87 24.75 20.59
CA GLY B 30 -3.97 25.99 19.83
C GLY B 30 -3.19 25.97 18.54
N GLN B 31 -2.84 24.79 18.03
CA GLN B 31 -2.08 24.64 16.80
C GLN B 31 -2.78 23.61 15.94
N HIS B 32 -2.32 23.46 14.70
CA HIS B 32 -2.87 22.40 13.86
C HIS B 32 -1.84 21.30 13.61
N SER B 33 -0.77 21.26 14.41
CA SER B 33 0.23 20.22 14.31
C SER B 33 0.03 19.18 15.42
N TRP B 34 0.51 17.97 15.15
CA TRP B 34 0.21 16.82 16.00
C TRP B 34 1.51 16.10 16.36
N GLN B 35 1.45 15.29 17.42
CA GLN B 35 2.64 14.55 17.84
C GLN B 35 2.21 13.51 18.87
N PHE B 36 3.17 12.66 19.24
CA PHE B 36 2.96 11.80 20.40
C PHE B 36 3.24 12.59 21.67
N PRO B 37 2.62 12.24 22.79
CA PRO B 37 2.99 12.86 24.08
C PRO B 37 4.45 12.59 24.40
N GLN B 38 5.11 13.60 24.96
CA GLN B 38 6.45 13.46 25.53
C GLN B 38 6.64 14.53 26.60
N GLY B 39 7.63 14.31 27.48
CA GLY B 39 7.84 15.24 28.58
C GLY B 39 9.19 15.07 29.23
N GLY B 40 9.63 16.15 29.87
CA GLY B 40 10.95 16.15 30.51
C GLY B 40 10.95 15.33 31.79
N ILE B 41 12.05 14.61 32.00
CA ILE B 41 12.27 13.86 33.23
C ILE B 41 12.75 14.81 34.31
N ASN B 42 12.16 14.72 35.50
CA ASN B 42 12.45 15.67 36.56
C ASN B 42 13.58 15.18 37.45
N PRO B 43 14.28 16.09 38.14
CA PRO B 43 15.28 15.64 39.13
C PRO B 43 14.60 14.78 40.17
N GLY B 44 15.10 13.57 40.34
CA GLY B 44 14.48 12.66 41.27
C GLY B 44 13.88 11.43 40.64
N GLU B 45 13.21 11.58 39.50
CA GLU B 45 12.41 10.48 38.97
C GLU B 45 13.18 9.65 37.95
N SER B 46 12.81 8.37 37.88
CA SER B 46 13.23 7.49 36.82
C SER B 46 12.45 7.79 35.54
N ALA B 47 12.82 7.11 34.45
CA ALA B 47 12.09 7.28 33.20
C ALA B 47 10.62 6.85 33.36
N GLU B 48 10.41 5.69 33.95
CA GLU B 48 9.06 5.17 34.15
C GLU B 48 8.18 6.17 34.92
N GLN B 49 8.71 6.69 36.03
CA GLN B 49 7.96 7.64 36.84
C GLN B 49 7.60 8.89 36.06
N ALA B 50 8.60 9.47 35.36
CA ALA B 50 8.33 10.62 34.51
C ALA B 50 7.24 10.28 33.50
N MET B 51 7.29 9.07 32.96
CA MET B 51 6.32 8.67 31.95
C MET B 51 4.91 8.69 32.53
N TYR B 52 4.71 8.05 33.69
CA TYR B 52 3.36 8.06 34.27
C TYR B 52 2.90 9.48 34.60
N ARG B 53 3.81 10.30 35.09
CA ARG B 53 3.50 11.68 35.45
C ARG B 53 3.04 12.49 34.24
N GLU B 54 3.80 12.43 33.15
CA GLU B 54 3.45 13.17 31.95
C GLU B 54 2.24 12.55 31.26
N LEU B 55 2.09 11.23 31.36
CA LEU B 55 0.93 10.55 30.82
C LEU B 55 -0.35 11.11 31.41
N PHE B 56 -0.44 11.17 32.75
CA PHE B 56 -1.66 11.74 33.33
C PHE B 56 -1.78 13.23 33.00
N GLU B 57 -0.66 13.95 33.06
CA GLU B 57 -0.68 15.40 32.82
C GLU B 57 -1.17 15.75 31.41
N GLU B 58 -0.74 14.99 30.41
CA GLU B 58 -1.00 15.33 29.00
C GLU B 58 -2.20 14.61 28.41
N VAL B 59 -2.45 13.38 28.86
CA VAL B 59 -3.48 12.50 28.31
C VAL B 59 -4.57 12.18 29.32
N GLY B 60 -4.36 12.45 30.61
CA GLY B 60 -5.36 12.12 31.61
C GLY B 60 -5.51 10.66 31.93
N LEU B 61 -4.55 9.82 31.53
CA LEU B 61 -4.61 8.39 31.77
C LEU B 61 -3.83 8.05 33.02
N SER B 62 -4.42 7.23 33.87
CA SER B 62 -3.81 6.79 35.11
C SER B 62 -3.05 5.49 34.89
N ARG B 63 -2.35 5.06 35.94
CA ARG B 63 -1.58 3.83 35.89
C ARG B 63 -2.43 2.63 35.52
N LYS B 64 -3.69 2.61 35.97
CA LYS B 64 -4.54 1.46 35.70
C LYS B 64 -5.25 1.57 34.36
N ASP B 65 -5.16 2.71 33.69
CA ASP B 65 -5.72 2.86 32.36
C ASP B 65 -4.87 2.23 31.27
N VAL B 66 -3.62 1.86 31.56
CA VAL B 66 -2.66 1.40 30.55
C VAL B 66 -1.85 0.22 31.07
N ARG B 67 -1.16 -0.46 30.16
CA ARG B 67 -0.09 -1.38 30.54
C ARG B 67 1.10 -1.17 29.63
N ILE B 68 2.30 -1.24 30.21
CA ILE B 68 3.54 -1.07 29.46
C ILE B 68 3.79 -2.35 28.66
N LEU B 69 3.82 -2.21 27.34
CA LEU B 69 4.17 -3.31 26.43
C LEU B 69 5.64 -3.35 26.12
N ALA B 70 6.32 -2.21 26.10
CA ALA B 70 7.74 -2.17 25.76
C ALA B 70 8.28 -0.78 26.05
N SER B 71 9.62 -0.70 26.07
CA SER B 71 10.32 0.57 26.10
C SER B 71 11.55 0.42 25.22
N THR B 72 12.10 1.54 24.77
CA THR B 72 13.30 1.44 23.93
C THR B 72 14.52 1.11 24.77
N ARG B 73 15.38 0.24 24.22
CA ARG B 73 16.55 -0.22 24.95
C ARG B 73 17.49 0.92 25.29
N ASN B 74 17.64 1.88 24.37
CA ASN B 74 18.59 2.97 24.52
C ASN B 74 17.86 4.30 24.49
N TRP B 75 18.62 5.38 24.70
CA TRP B 75 18.09 6.72 24.54
C TRP B 75 18.26 7.18 23.10
N LEU B 76 17.22 7.82 22.57
CA LEU B 76 17.20 8.33 21.20
C LEU B 76 17.19 9.84 21.28
N ARG B 77 18.14 10.48 20.62
CA ARG B 77 18.24 11.93 20.68
C ARG B 77 17.68 12.56 19.43
N TYR B 78 17.13 13.75 19.59
CA TYR B 78 16.90 14.63 18.46
C TYR B 78 17.40 16.02 18.80
N LYS B 79 17.92 16.70 17.79
CA LYS B 79 18.40 18.07 17.90
C LYS B 79 17.34 19.04 17.41
N LEU B 80 17.13 20.10 18.17
CA LEU B 80 16.28 21.16 17.68
C LEU B 80 16.94 21.80 16.45
N PRO B 81 16.14 22.28 15.50
CA PRO B 81 16.72 23.14 14.46
C PRO B 81 17.22 24.42 15.10
N LYS B 82 18.32 24.93 14.56
CA LYS B 82 19.03 26.04 15.16
C LYS B 82 18.09 27.21 15.48
N ARG B 83 17.13 27.48 14.59
CA ARG B 83 16.22 28.62 14.79
C ARG B 83 15.30 28.46 16.00
N LEU B 84 15.17 27.26 16.55
CA LEU B 84 14.34 27.02 17.72
C LEU B 84 15.12 27.02 19.03
N VAL B 85 16.45 27.03 18.97
CA VAL B 85 17.24 26.99 20.20
C VAL B 85 17.19 28.37 20.85
N ARG B 86 16.88 28.38 22.14
CA ARG B 86 16.86 29.62 22.92
C ARG B 86 18.24 29.80 23.54
N TRP B 87 19.11 30.58 22.88
CA TRP B 87 20.51 30.61 23.25
C TRP B 87 20.79 31.39 24.53
N ASP B 88 19.84 32.24 24.97
CA ASP B 88 20.08 33.07 26.15
C ASP B 88 19.74 32.38 27.47
N THR B 89 18.99 31.29 27.43
CA THR B 89 18.64 30.54 28.65
C THR B 89 19.77 29.55 28.96
N LYS B 90 20.53 29.82 30.00
CA LYS B 90 21.51 28.87 30.49
C LYS B 90 20.87 27.95 31.53
N PRO B 91 21.12 26.63 31.50
CA PRO B 91 21.91 25.95 30.47
C PRO B 91 21.12 25.81 29.17
N VAL B 92 21.80 25.96 28.03
CA VAL B 92 21.11 25.95 26.75
C VAL B 92 20.68 24.53 26.42
N CYS B 93 19.43 24.38 25.99
CA CYS B 93 18.90 23.09 25.55
C CYS B 93 18.85 23.06 24.03
N ILE B 94 19.58 22.13 23.43
CA ILE B 94 19.65 21.99 21.98
C ILE B 94 18.90 20.77 21.47
N GLY B 95 18.25 20.03 22.34
CA GLY B 95 17.56 18.83 21.91
C GLY B 95 17.13 18.00 23.09
N GLN B 96 16.45 16.90 22.77
CA GLN B 96 15.93 15.99 23.78
C GLN B 96 16.58 14.63 23.60
N LYS B 97 16.84 14.01 24.76
CA LYS B 97 17.36 12.66 24.89
C LYS B 97 16.06 11.94 25.25
N GLN B 98 15.75 10.81 24.63
CA GLN B 98 14.41 10.27 24.90
C GLN B 98 14.44 8.79 25.17
N LYS B 99 13.55 8.40 26.09
CA LYS B 99 13.29 7.02 26.46
C LYS B 99 11.83 6.84 26.03
N TRP B 100 11.56 5.95 25.08
CA TRP B 100 10.22 5.78 24.54
C TRP B 100 9.53 4.60 25.17
N PHE B 101 8.24 4.76 25.45
CA PHE B 101 7.40 3.72 26.00
C PHE B 101 6.23 3.40 25.08
N LEU B 102 5.96 2.12 24.95
CA LEU B 102 4.81 1.61 24.23
C LEU B 102 3.79 1.17 25.27
N LEU B 103 2.65 1.84 25.29
CA LEU B 103 1.57 1.53 26.20
C LEU B 103 0.39 0.97 25.44
N GLN B 104 -0.33 0.04 26.06
CA GLN B 104 -1.66 -0.32 25.60
C GLN B 104 -2.70 0.33 26.49
N LEU B 105 -3.64 1.02 25.86
CA LEU B 105 -4.78 1.58 26.57
C LEU B 105 -5.74 0.44 26.88
N VAL B 106 -5.93 0.14 28.17
CA VAL B 106 -6.78 -0.99 28.53
C VAL B 106 -8.17 -0.55 28.99
N SER B 107 -8.35 0.73 29.30
N SER B 107 -8.35 0.72 29.31
CA SER B 107 -9.66 1.27 29.61
CA SER B 107 -9.67 1.26 29.62
C SER B 107 -10.34 1.76 28.34
C SER B 107 -10.32 1.80 28.35
N GLY B 108 -11.57 2.24 28.48
CA GLY B 108 -12.27 2.82 27.35
C GLY B 108 -11.70 4.17 26.94
N ASP B 109 -11.98 4.53 25.68
CA ASP B 109 -11.53 5.81 25.14
C ASP B 109 -11.98 6.99 25.98
N ALA B 110 -13.12 6.85 26.68
CA ALA B 110 -13.64 7.95 27.49
C ALA B 110 -12.68 8.33 28.62
N GLU B 111 -11.81 7.44 29.03
CA GLU B 111 -10.82 7.75 30.06
C GLU B 111 -9.78 8.77 29.59
N ILE B 112 -9.52 9.01 28.31
CA ILE B 112 -8.56 9.99 27.82
C ILE B 112 -9.15 11.39 28.08
N ASN B 113 -8.38 12.22 28.81
CA ASN B 113 -8.87 13.52 29.29
C ASN B 113 -7.68 14.45 29.07
N MET B 114 -7.83 15.38 28.12
CA MET B 114 -6.76 16.31 27.77
C MET B 114 -6.87 17.66 28.47
N GLN B 115 -7.42 17.65 29.67
CA GLN B 115 -7.58 18.87 30.46
C GLN B 115 -7.39 18.60 31.96
N THR B 116 -6.48 17.68 32.39
CA THR B 116 -6.22 17.51 33.82
C THR B 116 -5.30 18.59 34.37
N SER B 117 -4.58 19.32 33.53
CA SER B 117 -3.71 20.37 34.01
C SER B 117 -4.26 21.73 33.59
N SER B 118 -3.79 22.75 34.30
CA SER B 118 -4.22 24.11 34.02
C SER B 118 -3.60 24.66 32.74
N THR B 119 -2.52 24.03 32.27
CA THR B 119 -1.79 24.44 31.07
C THR B 119 -1.64 23.24 30.14
N PRO B 120 -2.73 22.76 29.54
CA PRO B 120 -2.65 21.56 28.71
C PRO B 120 -1.74 21.77 27.51
N GLU B 121 -0.95 20.73 27.20
CA GLU B 121 -0.11 20.79 26.01
C GLU B 121 -0.88 20.40 24.75
N PHE B 122 -2.02 19.73 24.89
CA PHE B 122 -2.81 19.29 23.76
C PHE B 122 -4.26 19.70 23.90
N ASP B 123 -4.96 19.81 22.77
CA ASP B 123 -6.37 20.16 22.79
C ASP B 123 -7.22 19.20 21.97
N GLY B 124 -6.70 18.03 21.63
CA GLY B 124 -7.50 17.02 20.97
C GLY B 124 -6.62 15.83 20.62
N TRP B 125 -7.27 14.79 20.13
CA TRP B 125 -6.59 13.53 19.82
C TRP B 125 -7.45 12.72 18.87
N ARG B 126 -6.81 11.74 18.23
CA ARG B 126 -7.55 10.74 17.46
C ARG B 126 -6.69 9.49 17.35
N TRP B 127 -7.33 8.40 16.96
CA TRP B 127 -6.59 7.20 16.63
C TRP B 127 -6.13 7.34 15.18
N VAL B 128 -4.89 6.93 14.90
CA VAL B 128 -4.36 6.93 13.53
C VAL B 128 -3.73 5.56 13.27
N SER B 129 -3.59 5.23 11.97
CA SER B 129 -2.93 3.97 11.68
C SER B 129 -1.48 4.02 12.14
N TYR B 130 -0.91 2.82 12.35
CA TYR B 130 0.35 2.68 13.08
C TYR B 130 1.47 3.52 12.48
N TRP B 131 1.62 3.53 11.15
CA TRP B 131 2.76 4.18 10.53
C TRP B 131 2.50 5.64 10.15
N TYR B 132 1.27 6.10 10.22
CA TYR B 132 0.95 7.49 9.87
C TYR B 132 1.83 8.52 10.60
N PRO B 133 2.12 8.37 11.90
CA PRO B 133 3.01 9.33 12.55
C PRO B 133 4.40 9.45 11.93
N VAL B 134 4.93 8.41 11.28
CA VAL B 134 6.27 8.55 10.70
C VAL B 134 6.26 9.59 9.60
N ARG B 135 5.18 9.65 8.82
CA ARG B 135 5.05 10.71 7.84
C ARG B 135 4.71 12.05 8.49
N GLN B 136 3.76 12.04 9.41
CA GLN B 136 3.16 13.31 9.81
C GLN B 136 3.98 14.05 10.88
N VAL B 137 4.86 13.37 11.61
CA VAL B 137 5.65 14.03 12.65
C VAL B 137 6.43 15.20 12.05
N VAL B 138 6.68 16.23 12.88
CA VAL B 138 7.54 17.33 12.46
C VAL B 138 8.92 16.81 12.05
N SER B 139 9.52 17.46 11.05
CA SER B 139 10.72 16.92 10.40
C SER B 139 11.81 16.56 11.41
N PHE B 140 12.10 17.46 12.37
CA PHE B 140 13.28 17.21 13.19
C PHE B 140 13.09 16.03 14.15
N LYS B 141 11.85 15.54 14.33
CA LYS B 141 11.63 14.32 15.12
C LYS B 141 11.52 13.05 14.29
N ARG B 142 11.58 13.13 12.95
CA ARG B 142 11.18 11.98 12.13
C ARG B 142 12.16 10.82 12.30
N ASP B 143 13.45 11.15 12.41
CA ASP B 143 14.48 10.14 12.60
C ASP B 143 14.17 9.30 13.84
N VAL B 144 13.84 9.98 14.94
CA VAL B 144 13.51 9.28 16.18
C VAL B 144 12.24 8.46 15.99
N TYR B 145 11.21 9.09 15.41
CA TYR B 145 9.95 8.37 15.24
C TYR B 145 10.16 7.14 14.39
N ARG B 146 10.99 7.25 13.34
CA ARG B 146 11.12 6.10 12.46
C ARG B 146 11.72 4.93 13.23
N ARG B 147 12.73 5.25 14.05
CA ARG B 147 13.40 4.23 14.85
C ARG B 147 12.53 3.66 15.96
N VAL B 148 11.67 4.50 16.55
CA VAL B 148 10.81 4.05 17.62
C VAL B 148 9.72 3.14 17.07
N MET B 149 9.05 3.59 16.01
CA MET B 149 7.97 2.78 15.47
C MET B 149 8.50 1.49 14.88
N LYS B 150 9.72 1.52 14.29
CA LYS B 150 10.30 0.26 13.81
C LYS B 150 10.49 -0.68 14.98
N GLU B 151 11.06 -0.16 16.07
CA GLU B 151 11.34 -1.00 17.22
C GLU B 151 10.05 -1.51 17.85
N PHE B 152 8.98 -0.68 17.84
CA PHE B 152 7.79 -1.15 18.53
C PHE B 152 6.93 -2.03 17.63
N ALA B 153 7.23 -2.12 16.33
CA ALA B 153 6.23 -2.62 15.40
C ALA B 153 5.86 -4.07 15.72
N SER B 154 6.86 -4.91 15.95
CA SER B 154 6.63 -6.34 16.20
C SER B 154 5.74 -6.55 17.41
N VAL B 155 5.85 -5.70 18.43
CA VAL B 155 4.98 -5.90 19.58
C VAL B 155 3.54 -5.57 19.22
N VAL B 156 3.33 -4.47 18.47
CA VAL B 156 1.96 -4.03 18.21
C VAL B 156 1.27 -4.98 17.23
N MET B 157 2.01 -5.47 16.25
CA MET B 157 1.46 -6.40 15.28
C MET B 157 0.89 -7.61 16.00
N SER B 158 1.67 -8.14 16.95
CA SER B 158 1.27 -9.30 17.75
C SER B 158 0.20 -8.93 18.77
N LEU B 159 -1.01 -8.64 18.32
CA LEU B 159 -2.17 -8.45 19.20
C LEU B 159 -3.46 -8.80 18.47
#